data_6DG6
#
_entry.id   6DG6
#
_cell.length_a   73.730
_cell.length_b   86.800
_cell.length_c   92.310
_cell.angle_alpha   90.000
_cell.angle_beta   90.000
_cell.angle_gamma   90.000
#
_symmetry.space_group_name_H-M   'P 21 21 21'
#
loop_
_entity.id
_entity.type
_entity.pdbx_description
1 polymer Neoleukin-2/15
2 water water
#
_entity_poly.entity_id   1
_entity_poly.type   'polypeptide(L)'
_entity_poly.pdbx_seq_one_letter_code
;GSHMPKKKIQLHAEHALYDALMILNIVKTNSPPAEEKLEDYAFNFELILEEIARLFESGDQKDEAEKAKRMKEWMKRIKT
TASEDEQEEMANAIITILQSWIFS
;
_entity_poly.pdbx_strand_id   A,B,C,D,E,F
#
# COMPACT_ATOMS: atom_id res chain seq x y z
N PRO A 5 -10.75 13.25 -13.31
CA PRO A 5 -10.31 11.94 -13.81
C PRO A 5 -11.39 11.23 -14.62
N LYS A 6 -12.42 11.97 -15.04
CA LYS A 6 -13.52 11.35 -15.77
C LYS A 6 -13.04 10.72 -17.07
N LYS A 7 -12.20 11.44 -17.81
CA LYS A 7 -11.67 10.90 -19.06
C LYS A 7 -10.85 9.65 -18.81
N LYS A 8 -10.03 9.64 -17.77
CA LYS A 8 -9.26 8.45 -17.43
C LYS A 8 -10.18 7.29 -17.03
N ILE A 9 -11.20 7.57 -16.21
CA ILE A 9 -12.14 6.53 -15.81
C ILE A 9 -12.88 5.97 -17.02
N GLN A 10 -13.33 6.85 -17.91
CA GLN A 10 -14.03 6.39 -19.10
C GLN A 10 -13.18 5.43 -19.92
N LEU A 11 -11.90 5.77 -20.12
CA LEU A 11 -11.02 4.92 -20.90
C LEU A 11 -10.78 3.58 -20.21
N HIS A 12 -10.53 3.60 -18.89
CA HIS A 12 -10.39 2.35 -18.15
C HIS A 12 -11.66 1.51 -18.25
N ALA A 13 -12.82 2.14 -18.14
CA ALA A 13 -14.08 1.41 -18.21
C ALA A 13 -14.28 0.78 -19.59
N GLU A 14 -13.86 1.45 -20.65
CA GLU A 14 -13.96 0.86 -21.99
C GLU A 14 -13.14 -0.41 -22.08
N HIS A 15 -11.91 -0.37 -21.57
CA HIS A 15 -11.06 -1.56 -21.61
C HIS A 15 -11.57 -2.65 -20.68
N ALA A 16 -12.11 -2.27 -19.52
CA ALA A 16 -12.71 -3.25 -18.64
C ALA A 16 -13.94 -3.89 -19.30
N LEU A 17 -14.70 -3.11 -20.05
CA LEU A 17 -15.87 -3.66 -20.75
C LEU A 17 -15.45 -4.67 -21.80
N TYR A 18 -14.35 -4.40 -22.51
CA TYR A 18 -13.83 -5.39 -23.46
C TYR A 18 -13.56 -6.72 -22.77
N ASP A 19 -12.87 -6.68 -21.63
CA ASP A 19 -12.59 -7.92 -20.90
C ASP A 19 -13.89 -8.60 -20.49
N ALA A 20 -14.84 -7.84 -19.93
CA ALA A 20 -16.09 -8.43 -19.46
C ALA A 20 -16.88 -9.07 -20.60
N LEU A 21 -16.91 -8.42 -21.76
CA LEU A 21 -17.64 -8.97 -22.89
C LEU A 21 -17.00 -10.24 -23.42
N MET A 22 -15.66 -10.29 -23.48
CA MET A 22 -15.00 -11.51 -23.89
C MET A 22 -15.27 -12.63 -22.90
N ILE A 23 -15.29 -12.31 -21.61
CA ILE A 23 -15.59 -13.30 -20.58
C ILE A 23 -17.01 -13.80 -20.74
N LEU A 24 -17.97 -12.90 -20.97
CA LEU A 24 -19.34 -13.32 -21.20
C LEU A 24 -19.44 -14.26 -22.40
N ASN A 25 -18.70 -13.97 -23.47
N ASN A 25 -18.69 -13.98 -23.46
CA ASN A 25 -18.68 -14.86 -24.63
CA ASN A 25 -18.70 -14.86 -24.62
C ASN A 25 -18.14 -16.23 -24.25
C ASN A 25 -18.12 -16.23 -24.27
N ILE A 26 -17.05 -16.26 -23.47
CA ILE A 26 -16.47 -17.53 -23.04
C ILE A 26 -17.49 -18.31 -22.21
N VAL A 27 -18.18 -17.62 -21.29
CA VAL A 27 -19.16 -18.28 -20.42
C VAL A 27 -20.26 -18.93 -21.25
N LYS A 28 -20.73 -18.25 -22.29
CA LYS A 28 -21.85 -18.76 -23.08
C LYS A 28 -21.43 -19.80 -24.12
N THR A 29 -20.15 -20.11 -24.22
CA THR A 29 -19.65 -21.06 -25.20
C THR A 29 -18.90 -22.21 -24.52
N ASN A 30 -18.97 -23.38 -25.15
CA ASN A 30 -18.21 -24.55 -24.72
C ASN A 30 -17.05 -24.71 -25.70
N SER A 31 -15.95 -24.03 -25.43
CA SER A 31 -14.76 -24.07 -26.28
C SER A 31 -13.56 -24.41 -25.42
N PRO A 32 -12.97 -25.59 -25.58
CA PRO A 32 -11.87 -26.02 -24.70
C PRO A 32 -10.75 -25.00 -24.63
N PRO A 33 -10.27 -24.45 -25.76
CA PRO A 33 -9.20 -23.44 -25.63
C PRO A 33 -9.67 -22.15 -25.00
N ALA A 34 -10.93 -21.74 -25.24
CA ALA A 34 -11.36 -20.44 -24.75
C ALA A 34 -11.59 -20.41 -23.25
N GLU A 35 -11.57 -21.57 -22.58
CA GLU A 35 -11.76 -21.55 -21.14
C GLU A 35 -10.47 -21.18 -20.42
N GLU A 36 -9.33 -21.46 -21.05
CA GLU A 36 -8.04 -21.10 -20.46
C GLU A 36 -7.83 -19.59 -20.44
N LYS A 37 -8.39 -18.88 -21.42
CA LYS A 37 -8.20 -17.43 -21.52
C LYS A 37 -9.06 -16.66 -20.54
N LEU A 38 -10.09 -17.30 -19.98
CA LEU A 38 -10.98 -16.58 -19.06
C LEU A 38 -10.21 -16.03 -17.87
N GLU A 39 -9.30 -16.83 -17.31
CA GLU A 39 -8.53 -16.37 -16.17
C GLU A 39 -7.66 -15.16 -16.53
N ASP A 40 -7.16 -15.11 -17.77
CA ASP A 40 -6.35 -13.97 -18.19
C ASP A 40 -7.20 -12.71 -18.35
N TYR A 41 -8.36 -12.82 -19.01
CA TYR A 41 -9.27 -11.68 -19.08
C TYR A 41 -9.69 -11.22 -17.69
N ALA A 42 -9.98 -12.17 -16.80
CA ALA A 42 -10.47 -11.81 -15.47
C ALA A 42 -9.41 -11.04 -14.67
N PHE A 43 -8.17 -11.53 -14.69
CA PHE A 43 -7.11 -10.86 -13.95
C PHE A 43 -6.85 -9.46 -14.50
N ASN A 44 -6.85 -9.32 -15.83
CA ASN A 44 -6.72 -8.01 -16.44
C ASN A 44 -7.86 -7.09 -15.99
N PHE A 45 -9.09 -7.62 -15.97
CA PHE A 45 -10.24 -6.86 -15.51
C PHE A 45 -10.06 -6.38 -14.07
N GLU A 46 -9.60 -7.26 -13.19
CA GLU A 46 -9.42 -6.90 -11.78
C GLU A 46 -8.42 -5.77 -11.61
N LEU A 47 -7.33 -5.81 -12.39
CA LEU A 47 -6.33 -4.75 -12.35
C LEU A 47 -6.94 -3.41 -12.75
N ILE A 48 -7.77 -3.42 -13.80
CA ILE A 48 -8.38 -2.17 -14.26
C ILE A 48 -9.36 -1.63 -13.23
N LEU A 49 -10.19 -2.51 -12.67
CA LEU A 49 -11.20 -2.05 -11.72
C LEU A 49 -10.57 -1.52 -10.44
N GLU A 50 -9.43 -2.08 -10.02
CA GLU A 50 -8.71 -1.52 -8.89
C GLU A 50 -8.28 -0.09 -9.19
N GLU A 51 -7.82 0.17 -10.42
CA GLU A 51 -7.41 1.53 -10.77
C GLU A 51 -8.62 2.46 -10.86
N ILE A 52 -9.75 1.96 -11.38
CA ILE A 52 -10.96 2.76 -11.42
C ILE A 52 -11.40 3.13 -10.00
N ALA A 53 -11.33 2.19 -9.07
CA ALA A 53 -11.71 2.48 -7.69
C ALA A 53 -10.86 3.59 -7.11
N ARG A 54 -9.54 3.55 -7.35
CA ARG A 54 -8.67 4.59 -6.83
C ARG A 54 -9.02 5.95 -7.43
N LEU A 55 -9.30 5.99 -8.73
CA LEU A 55 -9.65 7.25 -9.37
C LEU A 55 -10.95 7.80 -8.80
N PHE A 56 -11.91 6.93 -8.51
CA PHE A 56 -13.13 7.38 -7.83
C PHE A 56 -12.80 7.86 -6.41
N GLU A 57 -11.95 7.14 -5.70
CA GLU A 57 -11.55 7.54 -4.35
C GLU A 57 -10.84 8.89 -4.37
N SER A 58 -10.00 9.13 -5.38
CA SER A 58 -9.31 10.40 -5.48
C SER A 58 -10.30 11.55 -5.67
N GLY A 59 -11.48 11.27 -6.19
CA GLY A 59 -12.55 12.24 -6.29
C GLY A 59 -13.47 12.15 -5.08
N ASP A 60 -14.68 12.66 -5.24
CA ASP A 60 -15.69 12.62 -4.18
C ASP A 60 -16.82 11.65 -4.48
N GLN A 61 -16.56 10.57 -5.21
CA GLN A 61 -17.58 9.58 -5.51
C GLN A 61 -17.32 8.27 -4.76
N LYS A 62 -17.64 8.27 -3.47
CA LYS A 62 -17.35 7.11 -2.63
C LYS A 62 -18.21 5.92 -3.04
N ASP A 63 -19.48 6.16 -3.39
CA ASP A 63 -20.37 5.08 -3.80
C ASP A 63 -19.87 4.40 -5.07
N GLU A 64 -19.36 5.18 -6.03
CA GLU A 64 -18.84 4.59 -7.26
C GLU A 64 -17.60 3.76 -6.99
N ALA A 65 -16.73 4.22 -6.08
CA ALA A 65 -15.56 3.43 -5.71
C ALA A 65 -15.97 2.11 -5.05
N GLU A 66 -17.01 2.14 -4.21
CA GLU A 66 -17.51 0.91 -3.59
C GLU A 66 -18.08 -0.04 -4.65
N LYS A 67 -18.75 0.51 -5.66
CA LYS A 67 -19.20 -0.32 -6.78
C LYS A 67 -18.02 -1.00 -7.46
N ALA A 68 -16.95 -0.25 -7.72
CA ALA A 68 -15.80 -0.81 -8.42
C ALA A 68 -15.16 -1.93 -7.60
N LYS A 69 -15.07 -1.76 -6.29
CA LYS A 69 -14.51 -2.81 -5.43
C LYS A 69 -15.36 -4.07 -5.49
N ARG A 70 -16.68 -3.92 -5.42
CA ARG A 70 -17.56 -5.08 -5.51
C ARG A 70 -17.44 -5.79 -6.84
N MET A 71 -17.30 -5.03 -7.93
CA MET A 71 -17.17 -5.64 -9.26
C MET A 71 -15.88 -6.46 -9.35
N LYS A 72 -14.81 -5.99 -8.72
CA LYS A 72 -13.58 -6.77 -8.65
C LYS A 72 -13.82 -8.10 -7.93
N GLU A 73 -14.61 -8.08 -6.86
CA GLU A 73 -14.89 -9.32 -6.14
C GLU A 73 -15.79 -10.24 -6.95
N TRP A 74 -16.75 -9.66 -7.69
CA TRP A 74 -17.59 -10.47 -8.57
C TRP A 74 -16.75 -11.20 -9.61
N MET A 75 -15.75 -10.53 -10.18
CA MET A 75 -14.92 -11.17 -11.19
C MET A 75 -14.12 -12.32 -10.59
N LYS A 76 -13.68 -12.15 -9.34
CA LYS A 76 -13.03 -13.26 -8.65
C LYS A 76 -13.96 -14.47 -8.54
N ARG A 77 -15.24 -14.22 -8.24
CA ARG A 77 -16.21 -15.31 -8.25
C ARG A 77 -16.35 -15.92 -9.62
N ILE A 78 -16.38 -15.08 -10.67
CA ILE A 78 -16.60 -15.56 -12.04
C ILE A 78 -15.50 -16.53 -12.45
N LYS A 79 -14.25 -16.20 -12.12
CA LYS A 79 -13.12 -16.97 -12.61
C LYS A 79 -12.82 -18.22 -11.79
N THR A 80 -13.44 -18.36 -10.61
CA THR A 80 -13.12 -19.50 -9.75
C THR A 80 -14.32 -20.39 -9.51
N THR A 81 -15.21 -19.99 -8.60
CA THR A 81 -16.20 -20.91 -8.05
C THR A 81 -17.49 -20.97 -8.86
N ALA A 82 -17.81 -19.93 -9.61
CA ALA A 82 -19.19 -19.73 -10.05
C ALA A 82 -19.61 -20.74 -11.11
N SER A 83 -20.91 -21.07 -11.09
CA SER A 83 -21.56 -21.82 -12.13
C SER A 83 -21.86 -20.94 -13.34
N GLU A 84 -22.12 -21.57 -14.48
CA GLU A 84 -22.33 -20.84 -15.72
C GLU A 84 -23.46 -19.82 -15.58
N ASP A 85 -24.56 -20.20 -14.91
CA ASP A 85 -25.64 -19.23 -14.71
C ASP A 85 -25.22 -18.09 -13.80
N GLU A 86 -24.48 -18.39 -12.73
CA GLU A 86 -24.01 -17.33 -11.84
C GLU A 86 -23.00 -16.43 -12.54
N GLN A 87 -22.13 -17.02 -13.37
CA GLN A 87 -21.15 -16.23 -14.12
C GLN A 87 -21.82 -15.21 -15.02
N GLU A 88 -22.87 -15.65 -15.74
CA GLU A 88 -23.55 -14.76 -16.68
C GLU A 88 -24.27 -13.63 -15.95
N GLU A 89 -24.92 -13.95 -14.83
CA GLU A 89 -25.62 -12.92 -14.08
C GLU A 89 -24.67 -11.85 -13.55
N MET A 90 -23.53 -12.27 -13.00
CA MET A 90 -22.56 -11.30 -12.51
C MET A 90 -21.90 -10.55 -13.66
N ALA A 91 -21.65 -11.24 -14.77
CA ALA A 91 -21.06 -10.57 -15.93
C ALA A 91 -21.99 -9.47 -16.45
N ASN A 92 -23.29 -9.76 -16.55
CA ASN A 92 -24.24 -8.77 -17.03
C ASN A 92 -24.35 -7.58 -16.07
N ALA A 93 -24.31 -7.84 -14.76
CA ALA A 93 -24.33 -6.75 -13.79
C ALA A 93 -23.09 -5.86 -13.96
N ILE A 94 -21.94 -6.48 -14.17
CA ILE A 94 -20.71 -5.72 -14.41
C ILE A 94 -20.86 -4.87 -15.67
N ILE A 95 -21.36 -5.48 -16.75
CA ILE A 95 -21.46 -4.78 -18.03
C ILE A 95 -22.36 -3.56 -17.90
N THR A 96 -23.46 -3.68 -17.16
CA THR A 96 -24.39 -2.57 -17.00
C THR A 96 -23.72 -1.38 -16.30
N ILE A 97 -22.96 -1.64 -15.23
CA ILE A 97 -22.30 -0.56 -14.51
C ILE A 97 -21.23 0.10 -15.38
N LEU A 98 -20.43 -0.69 -16.07
CA LEU A 98 -19.38 -0.12 -16.92
C LEU A 98 -19.99 0.79 -17.98
N GLN A 99 -21.10 0.37 -18.59
CA GLN A 99 -21.77 1.21 -19.56
C GLN A 99 -22.21 2.54 -18.96
N SER A 100 -22.66 2.52 -17.70
CA SER A 100 -23.04 3.78 -17.05
C SER A 100 -21.84 4.70 -16.85
N TRP A 101 -20.67 4.13 -16.53
CA TRP A 101 -19.47 4.94 -16.39
C TRP A 101 -19.00 5.47 -17.74
N ILE A 102 -19.10 4.64 -18.78
CA ILE A 102 -18.59 5.03 -20.10
C ILE A 102 -19.41 6.16 -20.71
N PHE A 103 -20.74 6.03 -20.67
CA PHE A 103 -21.63 6.92 -21.39
C PHE A 103 -22.22 8.01 -20.51
N SER A 104 -21.65 8.27 -19.35
CA SER A 104 -22.18 9.30 -18.45
C SER A 104 -21.30 9.50 -17.23
N PRO B 5 25.99 -16.78 46.84
CA PRO B 5 25.97 -15.41 47.36
C PRO B 5 24.58 -14.93 47.76
N LYS B 6 23.54 -15.69 47.39
CA LYS B 6 22.17 -15.24 47.66
C LYS B 6 21.95 -15.11 49.17
N LYS B 7 22.39 -16.11 49.94
CA LYS B 7 22.30 -16.01 51.39
C LYS B 7 23.20 -14.91 51.90
N LYS B 8 24.41 -14.81 51.34
CA LYS B 8 25.35 -13.76 51.74
C LYS B 8 24.83 -12.38 51.37
N ILE B 9 24.31 -12.22 50.15
CA ILE B 9 23.76 -10.91 49.75
C ILE B 9 22.56 -10.56 50.61
N GLN B 10 21.69 -11.54 50.90
CA GLN B 10 20.54 -11.27 51.75
C GLN B 10 20.97 -10.76 53.12
N LEU B 11 21.96 -11.41 53.73
CA LEU B 11 22.45 -10.98 55.04
C LEU B 11 23.02 -9.57 54.97
N HIS B 12 23.85 -9.29 53.97
CA HIS B 12 24.40 -7.95 53.83
C HIS B 12 23.30 -6.93 53.57
N ALA B 13 22.31 -7.28 52.75
CA ALA B 13 21.21 -6.35 52.50
C ALA B 13 20.42 -6.07 53.77
N GLU B 14 20.27 -7.08 54.63
CA GLU B 14 19.57 -6.87 55.91
C GLU B 14 20.31 -5.84 56.76
N HIS B 15 21.62 -5.95 56.87
CA HIS B 15 22.37 -4.99 57.68
C HIS B 15 22.40 -3.62 57.03
N ALA B 16 22.49 -3.56 55.69
CA ALA B 16 22.42 -2.25 55.03
C ALA B 16 21.07 -1.60 55.24
N LEU B 17 20.00 -2.41 55.26
CA LEU B 17 18.66 -1.87 55.50
C LEU B 17 18.53 -1.29 56.90
N TYR B 18 19.13 -1.94 57.91
CA TYR B 18 19.15 -1.36 59.24
C TYR B 18 19.80 0.03 59.22
N ASP B 19 20.97 0.15 58.57
CA ASP B 19 21.62 1.46 58.48
C ASP B 19 20.73 2.46 57.79
N ALA B 20 20.15 2.07 56.65
CA ALA B 20 19.31 2.97 55.87
C ALA B 20 18.08 3.42 56.65
N LEU B 21 17.48 2.51 57.42
CA LEU B 21 16.32 2.88 58.22
C LEU B 21 16.70 3.84 59.34
N MET B 22 17.87 3.63 59.96
CA MET B 22 18.32 4.54 61.00
C MET B 22 18.61 5.92 60.43
N ILE B 23 19.22 5.97 59.25
CA ILE B 23 19.51 7.25 58.60
C ILE B 23 18.23 7.98 58.25
N LEU B 24 17.25 7.26 57.70
CA LEU B 24 15.97 7.89 57.40
C LEU B 24 15.34 8.48 58.65
N ASN B 25 15.37 7.74 59.75
CA ASN B 25 14.82 8.27 61.01
C ASN B 25 15.57 9.52 61.46
N ILE B 26 16.90 9.53 61.31
CA ILE B 26 17.69 10.71 61.68
C ILE B 26 17.29 11.90 60.82
N VAL B 27 17.14 11.69 59.51
CA VAL B 27 16.80 12.78 58.61
C VAL B 27 15.48 13.42 59.01
N LYS B 28 14.51 12.60 59.40
CA LYS B 28 13.18 13.11 59.72
C LYS B 28 13.05 13.64 61.15
N THR B 29 14.10 13.57 61.97
CA THR B 29 14.04 14.01 63.36
C THR B 29 15.07 15.09 63.64
N ASN B 30 14.74 15.98 64.59
CA ASN B 30 15.65 17.02 65.06
C ASN B 30 16.17 16.63 66.44
N SER B 31 17.16 15.74 66.45
CA SER B 31 17.79 15.28 67.68
C SER B 31 19.30 15.38 67.53
N PRO B 32 19.97 16.25 68.28
CA PRO B 32 21.44 16.32 68.21
C PRO B 32 22.09 14.97 68.45
N PRO B 33 21.73 14.23 69.52
CA PRO B 33 22.38 12.91 69.71
C PRO B 33 22.15 11.96 68.56
N ALA B 34 20.92 11.86 68.04
CA ALA B 34 20.66 10.95 66.94
C ALA B 34 21.33 11.43 65.65
N GLU B 35 21.50 12.74 65.46
CA GLU B 35 22.05 13.21 64.20
C GLU B 35 23.55 13.00 64.13
N GLU B 36 24.21 12.90 65.28
CA GLU B 36 25.65 12.66 65.32
C GLU B 36 25.99 11.28 64.79
N LYS B 37 25.06 10.33 64.87
CA LYS B 37 25.27 8.96 64.40
C LYS B 37 25.14 8.81 62.88
N LEU B 38 24.61 9.81 62.16
CA LEU B 38 24.32 9.65 60.74
C LEU B 38 25.56 9.27 59.94
N GLU B 39 26.68 9.96 60.14
CA GLU B 39 27.86 9.66 59.34
C GLU B 39 28.37 8.26 59.58
N ASP B 40 28.21 7.75 60.81
CA ASP B 40 28.68 6.42 61.11
C ASP B 40 27.81 5.35 60.44
N TYR B 41 26.48 5.52 60.50
CA TYR B 41 25.59 4.63 59.76
C TYR B 41 25.91 4.66 58.26
N ALA B 42 26.16 5.86 57.72
CA ALA B 42 26.42 6.00 56.29
C ALA B 42 27.71 5.30 55.89
N PHE B 43 28.78 5.47 56.67
CA PHE B 43 30.04 4.83 56.34
C PHE B 43 29.90 3.31 56.40
N ASN B 44 29.20 2.81 57.43
CA ASN B 44 28.94 1.38 57.53
C ASN B 44 28.16 0.88 56.32
N PHE B 45 27.15 1.64 55.91
CA PHE B 45 26.35 1.30 54.73
C PHE B 45 27.21 1.22 53.48
N GLU B 46 28.12 2.19 53.29
CA GLU B 46 28.97 2.20 52.10
C GLU B 46 29.86 0.97 52.06
N LEU B 47 30.42 0.58 53.21
CA LEU B 47 31.23 -0.64 53.27
C LEU B 47 30.41 -1.86 52.87
N ILE B 48 29.16 -1.93 53.33
CA ILE B 48 28.32 -3.08 53.02
C ILE B 48 27.98 -3.12 51.53
N LEU B 49 27.58 -1.97 50.96
CA LEU B 49 27.16 -1.95 49.56
C LEU B 49 28.31 -2.23 48.61
N GLU B 50 29.53 -1.82 48.98
CA GLU B 50 30.70 -2.19 48.20
C GLU B 50 30.85 -3.70 48.16
N GLU B 51 30.57 -4.36 49.29
CA GLU B 51 30.64 -5.81 49.35
C GLU B 51 29.52 -6.47 48.55
N ILE B 52 28.32 -5.90 48.60
CA ILE B 52 27.19 -6.43 47.83
C ILE B 52 27.49 -6.31 46.34
N ALA B 53 28.06 -5.19 45.91
CA ALA B 53 28.38 -5.02 44.49
C ALA B 53 29.36 -6.08 44.01
N ARG B 54 30.36 -6.40 44.83
CA ARG B 54 31.34 -7.41 44.43
C ARG B 54 30.71 -8.79 44.36
N LEU B 55 29.83 -9.12 45.31
CA LEU B 55 29.17 -10.42 45.30
C LEU B 55 28.26 -10.54 44.08
N PHE B 56 27.56 -9.46 43.72
CA PHE B 56 26.76 -9.48 42.50
C PHE B 56 27.64 -9.65 41.27
N GLU B 57 28.76 -8.92 41.22
CA GLU B 57 29.65 -9.05 40.07
C GLU B 57 30.20 -10.46 39.94
N SER B 58 30.60 -11.06 41.07
CA SER B 58 31.13 -12.42 41.04
C SER B 58 30.09 -13.43 40.58
N GLY B 59 28.80 -13.15 40.77
CA GLY B 59 27.74 -14.02 40.31
C GLY B 59 27.20 -13.70 38.94
N ASP B 60 27.89 -12.84 38.18
CA ASP B 60 27.50 -12.44 36.83
C ASP B 60 26.17 -11.69 36.81
N GLN B 61 25.85 -10.93 37.84
CA GLN B 61 24.67 -10.07 37.85
C GLN B 61 25.12 -8.62 37.81
N LYS B 62 25.54 -8.19 36.61
CA LYS B 62 26.14 -6.86 36.45
C LYS B 62 25.12 -5.75 36.70
N ASP B 63 23.87 -5.96 36.29
CA ASP B 63 22.84 -4.94 36.53
C ASP B 63 22.70 -4.65 38.01
N GLU B 64 22.63 -5.70 38.84
N GLU B 64 22.61 -5.70 38.82
CA GLU B 64 22.50 -5.49 40.27
CA GLU B 64 22.50 -5.51 40.27
C GLU B 64 23.78 -4.93 40.86
C GLU B 64 23.78 -4.92 40.85
N ALA B 65 24.94 -5.34 40.32
CA ALA B 65 26.20 -4.80 40.83
C ALA B 65 26.31 -3.31 40.55
N GLU B 66 25.89 -2.88 39.36
CA GLU B 66 25.89 -1.46 39.04
C GLU B 66 24.91 -0.69 39.94
N LYS B 67 23.75 -1.29 40.22
CA LYS B 67 22.79 -0.65 41.12
C LYS B 67 23.38 -0.49 42.53
N ALA B 68 24.06 -1.52 43.03
CA ALA B 68 24.68 -1.42 44.35
C ALA B 68 25.73 -0.32 44.38
N LYS B 69 26.50 -0.16 43.31
CA LYS B 69 27.48 0.92 43.25
C LYS B 69 26.81 2.28 43.26
N ARG B 70 25.68 2.42 42.55
CA ARG B 70 24.97 3.70 42.57
C ARG B 70 24.45 4.02 43.97
N MET B 71 23.95 3.00 44.68
CA MET B 71 23.45 3.23 46.03
C MET B 71 24.57 3.69 46.96
N LYS B 72 25.78 3.16 46.77
CA LYS B 72 26.93 3.64 47.53
C LYS B 72 27.20 5.10 47.22
N GLU B 73 27.07 5.52 45.96
CA GLU B 73 27.27 6.92 45.62
C GLU B 73 26.17 7.79 46.20
N TRP B 74 24.93 7.28 46.19
CA TRP B 74 23.82 8.04 46.77
C TRP B 74 24.06 8.29 48.26
N MET B 75 24.53 7.27 48.97
CA MET B 75 24.77 7.43 50.40
C MET B 75 25.88 8.44 50.66
N LYS B 76 26.90 8.46 49.81
CA LYS B 76 27.94 9.47 49.92
C LYS B 76 27.34 10.86 49.85
N ARG B 77 26.37 11.06 48.96
CA ARG B 77 25.71 12.37 48.87
CA ARG B 77 25.73 12.36 48.87
C ARG B 77 24.86 12.64 50.10
N ILE B 78 24.14 11.63 50.58
CA ILE B 78 23.37 11.79 51.82
C ILE B 78 24.28 12.30 52.93
N LYS B 79 25.50 11.78 53.01
CA LYS B 79 26.40 12.09 54.11
C LYS B 79 27.20 13.38 53.92
N THR B 80 27.29 13.92 52.70
CA THR B 80 28.13 15.09 52.45
C THR B 80 27.41 16.28 51.84
N THR B 81 26.62 16.10 50.79
CA THR B 81 26.15 17.23 49.99
C THR B 81 24.63 17.32 49.82
N ALA B 82 23.87 16.31 50.23
CA ALA B 82 22.44 16.28 49.95
C ALA B 82 21.66 17.20 50.87
N SER B 83 20.70 17.92 50.29
CA SER B 83 19.67 18.62 51.05
C SER B 83 18.79 17.61 51.80
N GLU B 84 18.08 18.12 52.81
CA GLU B 84 17.24 17.26 53.64
C GLU B 84 16.20 16.52 52.80
N ASP B 85 15.58 17.21 51.83
CA ASP B 85 14.61 16.56 50.96
C ASP B 85 15.28 15.51 50.08
N GLU B 86 16.49 15.80 49.60
CA GLU B 86 17.25 14.83 48.82
C GLU B 86 17.62 13.61 49.66
N GLN B 87 17.97 13.85 50.92
CA GLN B 87 18.30 12.73 51.83
C GLN B 87 17.13 11.78 51.98
N GLU B 88 15.93 12.32 52.20
CA GLU B 88 14.78 11.45 52.42
C GLU B 88 14.42 10.67 51.15
N GLU B 89 14.49 11.33 49.99
CA GLU B 89 14.16 10.66 48.73
C GLU B 89 15.10 9.49 48.47
N MET B 90 16.42 9.73 48.55
CA MET B 90 17.39 8.68 48.25
CA MET B 90 17.35 8.66 48.23
C MET B 90 17.36 7.58 49.30
N ALA B 91 17.08 7.94 50.55
CA ALA B 91 16.98 6.92 51.60
C ALA B 91 15.81 5.98 51.34
N ASN B 92 14.66 6.54 50.95
CA ASN B 92 13.50 5.70 50.67
C ASN B 92 13.72 4.81 49.46
N ALA B 93 14.40 5.32 48.43
CA ALA B 93 14.74 4.49 47.28
C ALA B 93 15.68 3.36 47.67
N ILE B 94 16.67 3.66 48.51
CA ILE B 94 17.59 2.62 48.99
C ILE B 94 16.82 1.54 49.73
N ILE B 95 15.91 1.96 50.63
CA ILE B 95 15.15 1.00 51.41
C ILE B 95 14.32 0.10 50.49
N THR B 96 13.72 0.67 49.45
CA THR B 96 12.92 -0.10 48.52
C THR B 96 13.75 -1.15 47.81
N ILE B 97 14.93 -0.77 47.32
CA ILE B 97 15.78 -1.71 46.60
C ILE B 97 16.26 -2.82 47.53
N LEU B 98 16.70 -2.46 48.73
CA LEU B 98 17.18 -3.47 49.66
C LEU B 98 16.08 -4.48 50.00
N GLN B 99 14.86 -3.99 50.24
CA GLN B 99 13.76 -4.91 50.52
C GLN B 99 13.54 -5.86 49.36
N SER B 100 13.71 -5.37 48.13
CA SER B 100 13.56 -6.23 46.96
C SER B 100 14.63 -7.31 46.95
N TRP B 101 15.86 -6.96 47.32
CA TRP B 101 16.94 -7.95 47.38
C TRP B 101 16.72 -8.95 48.50
N ILE B 102 16.25 -8.48 49.66
CA ILE B 102 16.10 -9.35 50.83
C ILE B 102 15.00 -10.38 50.58
N PHE B 103 13.86 -9.93 50.07
CA PHE B 103 12.68 -10.78 50.03
C PHE B 103 12.46 -11.47 48.69
N SER B 104 13.47 -11.46 47.81
CA SER B 104 13.56 -12.15 46.50
C SER B 104 14.05 -11.16 45.44
N SER C 2 -13.41 6.63 22.46
CA SER C 2 -13.87 5.34 21.99
C SER C 2 -14.64 5.48 20.67
N HIS C 3 -15.23 6.65 20.45
CA HIS C 3 -16.04 6.84 19.25
C HIS C 3 -15.19 7.08 18.01
N MET C 4 -13.98 7.60 18.18
CA MET C 4 -13.14 7.83 17.01
C MET C 4 -12.17 6.68 16.81
N PRO C 5 -12.05 6.13 15.61
CA PRO C 5 -11.05 5.09 15.36
C PRO C 5 -9.64 5.68 15.29
N LYS C 6 -9.11 6.08 16.45
CA LYS C 6 -7.85 6.83 16.50
C LYS C 6 -6.67 6.05 15.91
N LYS C 7 -6.54 4.76 16.25
CA LYS C 7 -5.40 4.00 15.77
C LYS C 7 -5.38 3.87 14.25
N LYS C 8 -6.55 3.67 13.63
CA LYS C 8 -6.60 3.61 12.17
C LYS C 8 -6.20 4.94 11.56
N ILE C 9 -6.71 6.04 12.10
CA ILE C 9 -6.36 7.37 11.62
C ILE C 9 -4.87 7.62 11.81
N GLN C 10 -4.34 7.21 12.96
CA GLN C 10 -2.92 7.32 13.22
C GLN C 10 -2.09 6.59 12.17
N LEU C 11 -2.46 5.34 11.87
CA LEU C 11 -1.72 4.55 10.90
C LEU C 11 -1.75 5.20 9.52
N HIS C 12 -2.92 5.63 9.09
CA HIS C 12 -3.03 6.28 7.78
C HIS C 12 -2.24 7.58 7.74
N ALA C 13 -2.30 8.37 8.81
CA ALA C 13 -1.57 9.63 8.85
C ALA C 13 -0.06 9.39 8.80
N GLU C 14 0.42 8.31 9.42
CA GLU C 14 1.83 7.96 9.32
C GLU C 14 2.24 7.69 7.87
N HIS C 15 1.43 6.93 7.14
CA HIS C 15 1.76 6.65 5.75
C HIS C 15 1.61 7.91 4.89
N ALA C 16 0.62 8.74 5.20
CA ALA C 16 0.50 10.01 4.50
C ALA C 16 1.70 10.90 4.78
N LEU C 17 2.21 10.88 6.01
CA LEU C 17 3.36 11.69 6.34
C LEU C 17 4.60 11.23 5.59
N TYR C 18 4.77 9.92 5.42
CA TYR C 18 5.87 9.41 4.60
C TYR C 18 5.81 10.00 3.19
N ASP C 19 4.63 9.98 2.58
CA ASP C 19 4.48 10.57 1.24
C ASP C 19 4.83 12.05 1.25
N ALA C 20 4.31 12.79 2.23
CA ALA C 20 4.54 14.23 2.29
C ALA C 20 6.01 14.55 2.46
N LEU C 21 6.73 13.77 3.27
CA LEU C 21 8.16 14.01 3.49
C LEU C 21 8.98 13.70 2.24
N MET C 22 8.63 12.63 1.53
CA MET C 22 9.34 12.32 0.28
C MET C 22 9.08 13.39 -0.76
N ILE C 23 7.85 13.90 -0.83
CA ILE C 23 7.52 14.97 -1.76
C ILE C 23 8.28 16.23 -1.42
N LEU C 24 8.33 16.58 -0.12
CA LEU C 24 9.08 17.75 0.31
C LEU C 24 10.55 17.62 -0.07
N ASN C 25 11.14 16.43 0.13
CA ASN C 25 12.54 16.24 -0.23
C ASN C 25 12.75 16.39 -1.73
N ILE C 26 11.78 15.94 -2.53
CA ILE C 26 11.85 16.13 -3.97
C ILE C 26 11.79 17.63 -4.30
N VAL C 27 10.88 18.36 -3.65
CA VAL C 27 10.75 19.79 -3.90
C VAL C 27 12.04 20.52 -3.56
N LYS C 28 12.68 20.13 -2.46
CA LYS C 28 13.87 20.81 -1.95
C LYS C 28 15.16 20.39 -2.66
N THR C 29 15.08 19.54 -3.70
CA THR C 29 16.25 19.10 -4.43
C THR C 29 16.19 19.71 -5.82
N ASN C 30 17.36 20.07 -6.35
CA ASN C 30 17.43 20.75 -7.65
C ASN C 30 17.49 19.76 -8.80
N ALA C 34 15.80 11.88 -10.78
CA ALA C 34 14.72 10.93 -10.58
C ALA C 34 13.56 11.58 -9.83
N GLU C 35 12.92 12.57 -10.45
CA GLU C 35 11.83 13.31 -9.85
C GLU C 35 10.45 12.91 -10.37
N GLU C 36 10.38 11.89 -11.23
CA GLU C 36 9.10 11.43 -11.78
C GLU C 36 8.16 10.89 -10.72
N LYS C 37 8.69 10.44 -9.58
CA LYS C 37 7.88 9.82 -8.55
C LYS C 37 7.00 10.79 -7.76
N LEU C 38 7.19 12.11 -7.89
CA LEU C 38 6.37 13.03 -7.10
C LEU C 38 4.88 12.77 -7.34
N GLU C 39 4.49 12.57 -8.59
CA GLU C 39 3.08 12.31 -8.88
C GLU C 39 2.60 11.02 -8.23
N ASP C 40 3.48 10.01 -8.13
CA ASP C 40 3.10 8.74 -7.50
C ASP C 40 2.87 8.91 -6.00
N TYR C 41 3.81 9.59 -5.32
CA TYR C 41 3.61 9.90 -3.91
C TYR C 41 2.35 10.73 -3.70
N ALA C 42 2.11 11.71 -4.57
CA ALA C 42 0.98 12.61 -4.40
C ALA C 42 -0.35 11.87 -4.55
N PHE C 43 -0.48 11.04 -5.57
CA PHE C 43 -1.72 10.30 -5.77
C PHE C 43 -1.97 9.33 -4.62
N ASN C 44 -0.92 8.65 -4.16
CA ASN C 44 -1.03 7.79 -3.00
C ASN C 44 -1.53 8.57 -1.79
N PHE C 45 -1.00 9.78 -1.60
CA PHE C 45 -1.42 10.66 -0.51
C PHE C 45 -2.91 10.98 -0.60
N GLU C 46 -3.39 11.29 -1.80
CA GLU C 46 -4.81 11.63 -1.96
C GLU C 46 -5.70 10.47 -1.56
N LEU C 47 -5.31 9.25 -1.93
CA LEU C 47 -6.04 8.06 -1.54
C LEU C 47 -6.05 7.88 -0.02
N ILE C 48 -4.92 8.12 0.63
CA ILE C 48 -4.88 7.96 2.09
C ILE C 48 -5.76 9.00 2.75
N LEU C 49 -5.68 10.25 2.31
CA LEU C 49 -6.44 11.32 2.93
C LEU C 49 -7.94 11.13 2.70
N GLU C 50 -8.32 10.52 1.58
CA GLU C 50 -9.73 10.20 1.39
C GLU C 50 -10.22 9.24 2.47
N GLU C 51 -9.42 8.23 2.81
CA GLU C 51 -9.81 7.29 3.86
C GLU C 51 -9.79 7.95 5.24
N ILE C 52 -8.83 8.84 5.49
CA ILE C 52 -8.80 9.56 6.75
C ILE C 52 -10.05 10.41 6.91
N ALA C 53 -10.46 11.09 5.83
CA ALA C 53 -11.68 11.89 5.89
C ALA C 53 -12.89 11.01 6.22
N ARG C 54 -12.95 9.81 5.63
CA ARG C 54 -14.05 8.91 5.93
C ARG C 54 -14.01 8.45 7.39
N LEU C 55 -12.82 8.21 7.92
CA LEU C 55 -12.71 7.77 9.31
C LEU C 55 -13.10 8.88 10.29
N PHE C 56 -12.72 10.12 9.99
CA PHE C 56 -13.13 11.24 10.83
C PHE C 56 -14.64 11.41 10.83
N GLU C 57 -15.25 11.29 9.65
CA GLU C 57 -16.71 11.42 9.56
C GLU C 57 -17.40 10.33 10.37
N SER C 58 -16.89 9.10 10.31
CA SER C 58 -17.51 8.01 11.07
C SER C 58 -17.45 8.26 12.56
N GLY C 59 -16.46 9.02 13.02
CA GLY C 59 -16.35 9.41 14.41
C GLY C 59 -17.00 10.74 14.74
N ASP C 60 -17.81 11.28 13.82
CA ASP C 60 -18.51 12.55 14.00
C ASP C 60 -17.53 13.71 14.21
N GLN C 61 -16.38 13.67 13.53
CA GLN C 61 -15.40 14.75 13.58
C GLN C 61 -15.45 15.50 12.26
N LYS C 62 -16.49 16.31 12.10
CA LYS C 62 -16.75 16.95 10.81
C LYS C 62 -15.66 17.96 10.46
N ASP C 63 -15.15 18.71 11.45
CA ASP C 63 -14.10 19.68 11.18
C ASP C 63 -12.84 18.99 10.66
N GLU C 64 -12.42 17.90 11.33
CA GLU C 64 -11.20 17.21 10.90
C GLU C 64 -11.40 16.53 9.55
N ALA C 65 -12.61 16.05 9.28
CA ALA C 65 -12.87 15.44 7.97
C ALA C 65 -12.77 16.48 6.85
N GLU C 66 -13.28 17.69 7.10
CA GLU C 66 -13.17 18.76 6.12
C GLU C 66 -11.72 19.16 5.90
N LYS C 67 -10.92 19.18 6.97
CA LYS C 67 -9.50 19.46 6.84
C LYS C 67 -8.81 18.41 5.98
N ALA C 68 -9.19 17.14 6.17
CA ALA C 68 -8.62 16.07 5.36
C ALA C 68 -8.99 16.22 3.89
N LYS C 69 -10.23 16.61 3.61
CA LYS C 69 -10.63 16.84 2.23
C LYS C 69 -9.84 17.96 1.58
N ARG C 70 -9.60 19.05 2.33
CA ARG C 70 -8.80 20.14 1.79
C ARG C 70 -7.37 19.71 1.53
N MET C 71 -6.81 18.85 2.41
CA MET C 71 -5.45 18.37 2.21
C MET C 71 -5.32 17.55 0.93
N LYS C 72 -6.37 16.80 0.55
CA LYS C 72 -6.40 16.14 -0.75
C LYS C 72 -6.25 17.17 -1.87
N GLU C 73 -7.02 18.26 -1.81
CA GLU C 73 -6.97 19.29 -2.84
C GLU C 73 -5.62 19.99 -2.89
N TRP C 74 -5.04 20.27 -1.71
CA TRP C 74 -3.72 20.90 -1.68
C TRP C 74 -2.69 20.02 -2.37
N MET C 75 -2.74 18.70 -2.11
CA MET C 75 -1.80 17.79 -2.75
C MET C 75 -2.03 17.72 -4.25
N LYS C 76 -3.29 17.77 -4.70
CA LYS C 76 -3.55 17.81 -6.14
C LYS C 76 -2.91 19.04 -6.76
N ARG C 77 -2.95 20.17 -6.05
CA ARG C 77 -2.28 21.36 -6.53
C ARG C 77 -0.76 21.18 -6.53
N ILE C 78 -0.22 20.58 -5.46
CA ILE C 78 1.22 20.33 -5.40
C ILE C 78 1.70 19.58 -6.64
N LYS C 79 0.94 18.59 -7.08
CA LYS C 79 1.41 17.74 -8.18
C LYS C 79 1.12 18.32 -9.56
N THR C 80 0.29 19.36 -9.66
CA THR C 80 -0.08 19.89 -10.97
C THR C 80 0.37 21.34 -11.15
N THR C 81 -0.30 22.31 -10.54
CA THR C 81 -0.13 23.71 -10.90
C THR C 81 0.72 24.51 -9.91
N ALA C 82 1.12 23.91 -8.79
CA ALA C 82 1.79 24.68 -7.74
C ALA C 82 3.23 25.00 -8.13
N SER C 83 3.57 26.28 -8.03
CA SER C 83 4.96 26.73 -8.09
C SER C 83 5.78 26.09 -6.97
N GLU C 84 7.10 26.08 -7.16
CA GLU C 84 7.99 25.42 -6.21
C GLU C 84 7.83 25.99 -4.80
N ASP C 85 7.69 27.31 -4.67
CA ASP C 85 7.47 27.90 -3.35
C ASP C 85 6.12 27.48 -2.76
N GLU C 86 5.08 27.42 -3.60
CA GLU C 86 3.77 26.99 -3.12
C GLU C 86 3.80 25.52 -2.72
N GLN C 87 4.54 24.69 -3.47
CA GLN C 87 4.66 23.28 -3.13
C GLN C 87 5.23 23.11 -1.73
N GLU C 88 6.31 23.83 -1.43
CA GLU C 88 6.96 23.67 -0.13
C GLU C 88 6.06 24.21 1.00
N GLU C 89 5.38 25.33 0.77
CA GLU C 89 4.49 25.88 1.79
C GLU C 89 3.36 24.92 2.11
N MET C 90 2.72 24.36 1.08
CA MET C 90 1.62 23.43 1.33
C MET C 90 2.11 22.13 1.93
N ALA C 91 3.29 21.66 1.52
CA ALA C 91 3.85 20.45 2.12
C ALA C 91 4.10 20.64 3.61
N ASN C 92 4.66 21.77 4.00
CA ASN C 92 4.94 22.02 5.41
C ASN C 92 3.67 22.13 6.22
N ALA C 93 2.64 22.79 5.67
CA ALA C 93 1.35 22.87 6.36
C ALA C 93 0.74 21.49 6.52
N ILE C 94 0.83 20.66 5.48
CA ILE C 94 0.33 19.29 5.55
C ILE C 94 1.07 18.50 6.63
N ILE C 95 2.40 18.60 6.64
CA ILE C 95 3.19 17.86 7.61
C ILE C 95 2.81 18.23 9.03
N THR C 96 2.56 19.53 9.28
CA THR C 96 2.16 19.96 10.62
C THR C 96 0.84 19.32 11.04
N ILE C 97 -0.14 19.29 10.13
CA ILE C 97 -1.43 18.71 10.46
C ILE C 97 -1.30 17.21 10.72
N LEU C 98 -0.56 16.50 9.88
CA LEU C 98 -0.39 15.06 10.06
C LEU C 98 0.28 14.73 11.38
N GLN C 99 1.32 15.49 11.73
CA GLN C 99 2.01 15.25 13.00
C GLN C 99 1.07 15.42 14.19
N SER C 100 0.17 16.40 14.13
CA SER C 100 -0.78 16.56 15.23
C SER C 100 -1.76 15.38 15.30
N TRP C 101 -2.17 14.85 14.14
CA TRP C 101 -3.03 13.67 14.15
C TRP C 101 -2.32 12.44 14.67
N ILE C 102 -1.04 12.28 14.33
CA ILE C 102 -0.30 11.10 14.75
C ILE C 102 -0.04 11.13 16.25
N PHE C 103 0.41 12.27 16.76
CA PHE C 103 0.88 12.39 18.12
C PHE C 103 -0.13 13.02 19.06
N SER C 104 -1.40 13.08 18.67
CA SER C 104 -2.46 13.70 19.48
C SER C 104 -3.82 13.57 18.82
N HIS D 3 -2.53 33.78 29.25
CA HIS D 3 -1.40 33.70 28.35
C HIS D 3 -0.75 32.32 28.44
N MET D 4 -0.88 31.52 27.37
CA MET D 4 -0.33 30.17 27.36
C MET D 4 1.01 30.16 26.67
N PRO D 5 2.11 29.91 27.38
CA PRO D 5 3.44 29.89 26.73
C PRO D 5 3.67 28.63 25.90
N LYS D 6 2.93 28.45 24.81
CA LYS D 6 3.01 27.21 24.05
C LYS D 6 4.41 26.95 23.50
N LYS D 7 5.08 27.99 22.98
CA LYS D 7 6.40 27.79 22.38
C LYS D 7 7.41 27.32 23.42
N LYS D 8 7.39 27.91 24.62
CA LYS D 8 8.30 27.48 25.68
C LYS D 8 7.98 26.05 26.10
N ILE D 9 6.70 25.72 26.21
CA ILE D 9 6.31 24.36 26.59
C ILE D 9 6.82 23.37 25.55
N GLN D 10 6.71 23.71 24.26
CA GLN D 10 7.18 22.82 23.21
C GLN D 10 8.69 22.64 23.29
N LEU D 11 9.42 23.74 23.47
CA LEU D 11 10.88 23.67 23.57
C LEU D 11 11.31 22.77 24.73
N HIS D 12 10.73 22.98 25.91
CA HIS D 12 11.10 22.17 27.06
C HIS D 12 10.74 20.70 26.85
N ALA D 13 9.56 20.44 26.26
CA ALA D 13 9.15 19.06 26.01
C ALA D 13 10.10 18.39 25.04
N GLU D 14 10.59 19.13 24.04
CA GLU D 14 11.58 18.57 23.11
C GLU D 14 12.83 18.15 23.85
N HIS D 15 13.32 18.99 24.75
CA HIS D 15 14.51 18.64 25.52
C HIS D 15 14.23 17.52 26.50
N ALA D 16 13.04 17.50 27.11
CA ALA D 16 12.68 16.40 27.97
C ALA D 16 12.58 15.10 27.18
N LEU D 17 12.07 15.19 25.94
CA LEU D 17 11.99 14.00 25.10
C LEU D 17 13.37 13.49 24.75
N TYR D 18 14.33 14.39 24.51
CA TYR D 18 15.71 13.95 24.30
C TYR D 18 16.22 13.14 25.48
N ASP D 19 15.99 13.64 26.70
CA ASP D 19 16.40 12.91 27.89
C ASP D 19 15.73 11.54 27.96
N ALA D 20 14.42 11.50 27.72
CA ALA D 20 13.69 10.23 27.81
C ALA D 20 14.17 9.22 26.78
N LEU D 21 14.46 9.68 25.57
CA LEU D 21 14.92 8.75 24.54
C LEU D 21 16.30 8.21 24.85
N MET D 22 17.20 9.06 25.38
CA MET D 22 18.51 8.58 25.77
C MET D 22 18.40 7.59 26.94
N ILE D 23 17.48 7.86 27.88
CA ILE D 23 17.28 6.95 29.00
C ILE D 23 16.75 5.60 28.51
N LEU D 24 15.76 5.64 27.61
CA LEU D 24 15.23 4.40 27.05
C LEU D 24 16.32 3.60 26.35
N ASN D 25 17.22 4.29 25.63
CA ASN D 25 18.31 3.60 24.95
C ASN D 25 19.22 2.89 25.96
N ILE D 26 19.48 3.53 27.10
CA ILE D 26 20.29 2.90 28.13
C ILE D 26 19.58 1.67 28.68
N VAL D 27 18.28 1.79 28.94
CA VAL D 27 17.51 0.68 29.49
C VAL D 27 17.58 -0.53 28.57
N LYS D 28 17.50 -0.29 27.26
CA LYS D 28 17.47 -1.34 26.25
C LYS D 28 18.86 -1.89 25.93
N THR D 29 19.88 -1.45 26.65
CA THR D 29 21.26 -1.87 26.43
C THR D 29 21.71 -2.70 27.62
N ASN D 30 22.57 -3.69 27.35
CA ASN D 30 23.03 -4.60 28.39
C ASN D 30 24.40 -4.26 28.93
N SER D 31 25.21 -3.52 28.18
CA SER D 31 26.52 -3.11 28.69
C SER D 31 27.04 -1.90 27.92
N ALA D 34 25.56 1.75 31.95
CA ALA D 34 25.84 3.15 32.26
C ALA D 34 24.71 3.75 33.09
N GLU D 35 24.58 3.29 34.34
CA GLU D 35 23.49 3.76 35.17
C GLU D 35 23.76 5.15 35.72
N GLU D 36 25.04 5.54 35.83
CA GLU D 36 25.35 6.89 36.29
C GLU D 36 24.91 7.94 35.27
N LYS D 37 24.98 7.61 33.98
CA LYS D 37 24.57 8.58 32.97
C LYS D 37 23.05 8.66 32.88
N LEU D 38 22.37 7.56 33.20
CA LEU D 38 20.91 7.58 33.22
C LEU D 38 20.42 8.56 34.28
N GLU D 39 21.04 8.54 35.46
CA GLU D 39 20.63 9.45 36.53
C GLU D 39 20.86 10.90 36.13
N ASP D 40 21.90 11.19 35.34
CA ASP D 40 22.12 12.55 34.89
C ASP D 40 21.04 12.98 33.92
N TYR D 41 20.69 12.12 32.95
CA TYR D 41 19.55 12.42 32.10
C TYR D 41 18.27 12.57 32.91
N ALA D 42 18.08 11.68 33.90
CA ALA D 42 16.86 11.71 34.70
C ALA D 42 16.75 13.00 35.51
N PHE D 43 17.85 13.42 36.14
CA PHE D 43 17.82 14.65 36.94
C PHE D 43 17.55 15.86 36.05
N ASN D 44 18.19 15.93 34.89
CA ASN D 44 17.90 17.01 33.95
C ASN D 44 16.44 16.99 33.56
N PHE D 45 15.89 15.80 33.28
CA PHE D 45 14.49 15.64 32.93
C PHE D 45 13.58 16.17 34.02
N GLU D 46 13.89 15.85 35.28
CA GLU D 46 13.06 16.30 36.39
C GLU D 46 13.04 17.82 36.48
N LEU D 47 14.19 18.47 36.28
CA LEU D 47 14.22 19.93 36.27
C LEU D 47 13.35 20.49 35.15
N ILE D 48 13.39 19.87 33.97
CA ILE D 48 12.59 20.36 32.86
C ILE D 48 11.09 20.20 33.14
N LEU D 49 10.69 19.02 33.64
CA LEU D 49 9.27 18.76 33.87
C LEU D 49 8.72 19.65 34.98
N GLU D 50 9.54 19.96 35.99
CA GLU D 50 9.13 20.92 37.01
C GLU D 50 8.86 22.29 36.39
N GLU D 51 9.72 22.70 35.44
CA GLU D 51 9.50 23.97 34.76
C GLU D 51 8.30 23.91 33.83
N ILE D 52 8.07 22.76 33.18
CA ILE D 52 6.89 22.59 32.32
C ILE D 52 5.61 22.70 33.14
N ALA D 53 5.59 22.08 34.33
CA ALA D 53 4.40 22.18 35.19
C ALA D 53 4.12 23.62 35.58
N ARG D 54 5.16 24.40 35.90
CA ARG D 54 4.97 25.79 36.25
C ARG D 54 4.42 26.59 35.07
N LEU D 55 4.89 26.31 33.86
CA LEU D 55 4.39 27.02 32.69
C LEU D 55 2.93 26.66 32.41
N PHE D 56 2.56 25.40 32.63
CA PHE D 56 1.17 25.00 32.48
C PHE D 56 0.28 25.73 33.48
N GLU D 57 0.74 25.85 34.73
CA GLU D 57 -0.03 26.55 35.75
C GLU D 57 -0.24 28.01 35.39
N SER D 58 0.79 28.68 34.88
CA SER D 58 0.64 30.08 34.49
C SER D 58 -0.37 30.23 33.35
N GLY D 59 -0.55 29.18 32.55
CA GLY D 59 -1.54 29.19 31.49
C GLY D 59 -2.86 28.59 31.92
N ASP D 60 -3.06 28.47 33.23
CA ASP D 60 -4.29 27.91 33.80
C ASP D 60 -4.64 26.54 33.24
N GLN D 61 -3.64 25.72 32.92
CA GLN D 61 -3.85 24.35 32.46
C GLN D 61 -3.43 23.38 33.58
N LYS D 62 -4.28 23.31 34.61
CA LYS D 62 -3.96 22.54 35.80
C LYS D 62 -3.88 21.04 35.51
N ASP D 63 -4.78 20.54 34.65
CA ASP D 63 -4.77 19.12 34.33
C ASP D 63 -3.46 18.71 33.66
N GLU D 64 -2.88 19.57 32.83
CA GLU D 64 -1.62 19.25 32.18
C GLU D 64 -0.45 19.39 33.15
N ALA D 65 -0.52 20.36 34.06
CA ALA D 65 0.55 20.55 35.03
C ALA D 65 0.65 19.35 35.97
N GLU D 66 -0.50 18.81 36.39
CA GLU D 66 -0.49 17.61 37.23
C GLU D 66 0.07 16.42 36.48
N LYS D 67 -0.13 16.39 35.16
CA LYS D 67 0.46 15.34 34.33
C LYS D 67 1.98 15.44 34.32
N ALA D 68 2.50 16.67 34.23
CA ALA D 68 3.94 16.87 34.28
C ALA D 68 4.52 16.43 35.61
N LYS D 69 3.80 16.67 36.71
CA LYS D 69 4.32 16.28 38.01
C LYS D 69 4.27 14.77 38.21
N ARG D 70 3.28 14.09 37.63
CA ARG D 70 3.26 12.63 37.68
C ARG D 70 4.40 12.06 36.85
N MET D 71 4.70 12.66 35.68
CA MET D 71 5.81 12.19 34.87
C MET D 71 7.14 12.38 35.60
N LYS D 72 7.27 13.47 36.35
CA LYS D 72 8.46 13.68 37.18
C LYS D 72 8.59 12.57 38.22
N GLU D 73 7.46 12.17 38.82
CA GLU D 73 7.48 11.09 39.80
C GLU D 73 7.83 9.76 39.15
N TRP D 74 7.36 9.52 37.93
CA TRP D 74 7.74 8.32 37.19
C TRP D 74 9.24 8.27 36.94
N MET D 75 9.83 9.40 36.53
CA MET D 75 11.25 9.42 36.25
C MET D 75 12.07 9.14 37.50
N LYS D 76 11.63 9.65 38.65
CA LYS D 76 12.30 9.33 39.90
C LYS D 76 12.30 7.83 40.17
N ARG D 77 11.22 7.14 39.80
CA ARG D 77 11.19 5.69 39.95
C ARG D 77 12.09 5.01 38.93
N ILE D 78 12.09 5.53 37.69
CA ILE D 78 12.92 4.97 36.63
C ILE D 78 14.38 4.95 37.04
N LYS D 79 14.87 6.04 37.65
CA LYS D 79 16.29 6.16 37.92
C LYS D 79 16.72 5.46 39.20
N THR D 80 15.79 5.03 40.05
CA THR D 80 16.15 4.40 41.33
C THR D 80 15.63 2.97 41.40
N THR D 81 14.32 2.77 41.49
CA THR D 81 13.75 1.52 41.97
C THR D 81 13.12 0.65 40.90
N ALA D 82 12.88 1.18 39.70
CA ALA D 82 12.14 0.43 38.69
C ALA D 82 12.98 -0.68 38.08
N SER D 83 12.34 -1.82 37.82
CA SER D 83 12.92 -2.90 37.04
C SER D 83 13.01 -2.50 35.56
N GLU D 84 13.83 -3.24 34.81
CA GLU D 84 14.06 -2.91 33.40
C GLU D 84 12.76 -2.86 32.61
N ASP D 85 11.84 -3.80 32.86
CA ASP D 85 10.57 -3.77 32.14
C ASP D 85 9.73 -2.56 32.52
N GLU D 86 9.68 -2.24 33.81
CA GLU D 86 8.90 -1.08 34.23
C GLU D 86 9.54 0.23 33.77
N GLN D 87 10.87 0.28 33.70
CA GLN D 87 11.55 1.46 33.15
C GLN D 87 11.12 1.71 31.72
N GLU D 88 11.08 0.66 30.89
CA GLU D 88 10.70 0.81 29.49
C GLU D 88 9.24 1.21 29.36
N GLU D 89 8.37 0.61 30.18
CA GLU D 89 6.96 0.95 30.15
C GLU D 89 6.74 2.42 30.52
N MET D 90 7.36 2.87 31.62
CA MET D 90 7.18 4.25 32.05
C MET D 90 7.83 5.23 31.09
N ALA D 91 9.00 4.88 30.55
CA ALA D 91 9.65 5.77 29.58
C ALA D 91 8.78 5.95 28.35
N ASN D 92 8.23 4.85 27.82
CA ASN D 92 7.37 4.95 26.65
C ASN D 92 6.11 5.74 26.97
N ALA D 93 5.57 5.59 28.18
CA ALA D 93 4.43 6.41 28.60
C ALA D 93 4.81 7.89 28.62
N ILE D 94 6.00 8.20 29.14
CA ILE D 94 6.50 9.58 29.15
C ILE D 94 6.64 10.10 27.72
N ILE D 95 7.25 9.30 26.84
CA ILE D 95 7.49 9.74 25.47
C ILE D 95 6.18 10.06 24.77
N THR D 96 5.15 9.25 25.01
CA THR D 96 3.85 9.49 24.38
C THR D 96 3.28 10.85 24.78
N ILE D 97 3.34 11.18 26.07
CA ILE D 97 2.82 12.46 26.53
C ILE D 97 3.63 13.62 25.97
N LEU D 98 4.96 13.50 25.99
CA LEU D 98 5.81 14.57 25.47
C LEU D 98 5.54 14.83 24.00
N GLN D 99 5.41 13.77 23.20
CA GLN D 99 5.11 13.95 21.78
C GLN D 99 3.80 14.69 21.57
N SER D 100 2.80 14.40 22.41
CA SER D 100 1.52 15.09 22.30
C SER D 100 1.66 16.58 22.61
N TRP D 101 2.50 16.93 23.59
CA TRP D 101 2.74 18.35 23.88
C TRP D 101 3.52 19.03 22.75
N ILE D 102 4.49 18.33 22.17
CA ILE D 102 5.33 18.94 21.14
C ILE D 102 4.52 19.20 19.87
N PHE D 103 3.76 18.21 19.42
CA PHE D 103 3.11 18.25 18.12
C PHE D 103 1.65 18.67 18.20
N SER D 104 1.21 19.19 19.35
CA SER D 104 -0.14 19.70 19.51
C SER D 104 -0.18 20.75 20.61
N PRO E 5 6.33 -14.45 -23.21
CA PRO E 5 5.01 -15.07 -23.00
C PRO E 5 3.95 -14.56 -23.98
N LYS E 6 3.57 -15.42 -24.92
CA LYS E 6 2.62 -15.03 -25.97
C LYS E 6 1.26 -14.67 -25.39
N LYS E 7 0.79 -15.42 -24.40
CA LYS E 7 -0.57 -15.21 -23.88
C LYS E 7 -0.77 -13.80 -23.34
N LYS E 8 0.20 -13.29 -22.58
CA LYS E 8 0.08 -11.91 -22.11
C LYS E 8 0.18 -10.93 -23.27
N ILE E 9 1.10 -11.20 -24.21
CA ILE E 9 1.24 -10.34 -25.38
C ILE E 9 -0.04 -10.32 -26.19
N GLN E 10 -0.67 -11.48 -26.38
CA GLN E 10 -1.90 -11.55 -27.15
C GLN E 10 -3.01 -10.72 -26.51
N LEU E 11 -3.10 -10.76 -25.18
CA LEU E 11 -4.11 -9.97 -24.48
C LEU E 11 -3.80 -8.48 -24.59
N HIS E 12 -2.53 -8.09 -24.42
CA HIS E 12 -2.17 -6.69 -24.59
C HIS E 12 -2.48 -6.22 -26.01
N ALA E 13 -2.21 -7.08 -27.00
CA ALA E 13 -2.48 -6.73 -28.39
C ALA E 13 -3.97 -6.52 -28.64
N GLU E 14 -4.82 -7.30 -27.96
CA GLU E 14 -6.26 -7.11 -28.08
C GLU E 14 -6.66 -5.72 -27.58
N HIS E 15 -6.13 -5.32 -26.42
CA HIS E 15 -6.44 -3.99 -25.90
C HIS E 15 -5.81 -2.90 -26.77
N ALA E 16 -4.62 -3.16 -27.30
CA ALA E 16 -4.03 -2.20 -28.22
C ALA E 16 -4.87 -2.06 -29.49
N LEU E 17 -5.44 -3.16 -29.95
CA LEU E 17 -6.31 -3.11 -31.13
C LEU E 17 -7.58 -2.32 -30.85
N TYR E 18 -8.15 -2.46 -29.66
CA TYR E 18 -9.29 -1.64 -29.29
C TYR E 18 -8.96 -0.16 -29.41
N ASP E 19 -7.80 0.25 -28.88
CA ASP E 19 -7.39 1.65 -29.00
C ASP E 19 -7.26 2.08 -30.45
N ALA E 20 -6.57 1.27 -31.27
CA ALA E 20 -6.36 1.64 -32.67
C ALA E 20 -7.68 1.76 -33.42
N LEU E 21 -8.62 0.86 -33.14
CA LEU E 21 -9.91 0.90 -33.82
C LEU E 21 -10.72 2.13 -33.40
N MET E 22 -10.67 2.50 -32.12
CA MET E 22 -11.33 3.73 -31.67
C MET E 22 -10.67 4.96 -32.29
N ILE E 23 -9.34 4.95 -32.43
CA ILE E 23 -8.64 6.05 -33.06
C ILE E 23 -9.02 6.16 -34.53
N LEU E 24 -9.08 5.03 -35.22
CA LEU E 24 -9.50 5.03 -36.63
C LEU E 24 -10.91 5.61 -36.77
N ASN E 25 -11.83 5.21 -35.90
CA ASN E 25 -13.19 5.75 -35.94
C ASN E 25 -13.17 7.27 -35.81
N ILE E 26 -12.35 7.79 -34.89
CA ILE E 26 -12.25 9.24 -34.69
C ILE E 26 -11.73 9.92 -35.96
N VAL E 27 -10.71 9.34 -36.59
CA VAL E 27 -10.12 9.95 -37.77
C VAL E 27 -11.16 10.15 -38.87
N LYS E 28 -12.01 9.16 -39.10
CA LYS E 28 -12.98 9.20 -40.18
C LYS E 28 -14.27 9.94 -39.84
N THR E 29 -14.40 10.47 -38.62
CA THR E 29 -15.63 11.14 -38.19
C THR E 29 -15.37 12.60 -37.83
N ASN E 30 -16.41 13.41 -38.02
CA ASN E 30 -16.38 14.83 -37.67
C ASN E 30 -17.15 15.02 -36.36
N SER E 31 -16.47 14.70 -35.27
CA SER E 31 -16.98 14.79 -33.91
C SER E 31 -16.19 15.82 -33.11
N PRO E 32 -16.86 16.66 -32.31
CA PRO E 32 -16.13 17.67 -31.53
C PRO E 32 -15.15 17.06 -30.55
N PRO E 33 -15.57 16.19 -29.61
CA PRO E 33 -14.60 15.70 -28.60
C PRO E 33 -13.46 14.89 -29.18
N ALA E 34 -13.39 14.76 -30.50
CA ALA E 34 -12.57 13.73 -31.12
C ALA E 34 -11.08 13.93 -30.87
N GLU E 35 -10.59 15.17 -30.98
CA GLU E 35 -9.16 15.35 -30.91
C GLU E 35 -8.62 15.25 -29.49
N GLU E 36 -9.42 15.62 -28.48
CA GLU E 36 -8.96 15.40 -27.12
C GLU E 36 -9.01 13.92 -26.78
N LYS E 37 -9.99 13.20 -27.31
CA LYS E 37 -10.14 11.78 -27.00
C LYS E 37 -9.16 10.93 -27.80
N LEU E 38 -8.76 11.40 -28.98
CA LEU E 38 -7.80 10.66 -29.77
C LEU E 38 -6.47 10.56 -29.04
N GLU E 39 -6.03 11.66 -28.43
CA GLU E 39 -4.78 11.69 -27.70
C GLU E 39 -4.80 10.74 -26.51
N ASP E 40 -5.97 10.57 -25.87
CA ASP E 40 -6.07 9.65 -24.75
C ASP E 40 -5.91 8.20 -25.21
N TYR E 41 -6.61 7.81 -26.28
CA TYR E 41 -6.40 6.48 -26.83
C TYR E 41 -4.94 6.29 -27.26
N ALA E 42 -4.35 7.32 -27.85
CA ALA E 42 -2.97 7.20 -28.33
C ALA E 42 -2.00 6.97 -27.18
N PHE E 43 -2.19 7.71 -26.08
CA PHE E 43 -1.30 7.55 -24.94
C PHE E 43 -1.41 6.16 -24.33
N ASN E 44 -2.63 5.65 -24.18
CA ASN E 44 -2.81 4.27 -23.71
C ASN E 44 -2.16 3.27 -24.66
N PHE E 45 -2.34 3.47 -25.97
CA PHE E 45 -1.74 2.58 -26.96
C PHE E 45 -0.22 2.53 -26.82
N GLU E 46 0.41 3.70 -26.64
CA GLU E 46 1.87 3.74 -26.53
C GLU E 46 2.36 2.98 -25.31
N LEU E 47 1.64 3.10 -24.18
CA LEU E 47 2.00 2.35 -22.98
C LEU E 47 1.91 0.85 -23.22
N ILE E 48 0.87 0.39 -23.91
CA ILE E 48 0.71 -1.04 -24.15
C ILE E 48 1.83 -1.55 -25.06
N LEU E 49 2.08 -0.83 -26.14
CA LEU E 49 3.10 -1.28 -27.11
C LEU E 49 4.50 -1.22 -26.50
N GLU E 50 4.73 -0.29 -25.58
CA GLU E 50 6.00 -0.29 -24.86
C GLU E 50 6.17 -1.58 -24.07
N GLU E 51 5.10 -2.03 -23.41
CA GLU E 51 5.12 -3.29 -22.67
C GLU E 51 5.22 -4.47 -23.63
N ILE E 52 4.53 -4.38 -24.77
CA ILE E 52 4.64 -5.43 -25.79
C ILE E 52 6.08 -5.55 -26.27
N ALA E 53 6.72 -4.40 -26.53
CA ALA E 53 8.12 -4.42 -26.96
C ALA E 53 9.02 -5.01 -25.88
N ARG E 54 8.73 -4.71 -24.61
CA ARG E 54 9.57 -5.24 -23.54
C ARG E 54 9.41 -6.75 -23.40
N LEU E 55 8.17 -7.23 -23.47
CA LEU E 55 7.93 -8.67 -23.41
C LEU E 55 8.57 -9.37 -24.61
N PHE E 56 8.53 -8.74 -25.79
CA PHE E 56 9.18 -9.31 -26.95
C PHE E 56 10.69 -9.37 -26.75
N GLU E 57 11.29 -8.30 -26.22
CA GLU E 57 12.72 -8.28 -25.96
C GLU E 57 13.12 -9.32 -24.92
N SER E 58 12.31 -9.47 -23.87
CA SER E 58 12.60 -10.47 -22.85
C SER E 58 12.53 -11.88 -23.41
N GLY E 59 11.75 -12.09 -24.47
CA GLY E 59 11.66 -13.38 -25.11
C GLY E 59 12.61 -13.58 -26.27
N ASP E 60 13.67 -12.76 -26.34
CA ASP E 60 14.66 -12.84 -27.42
C ASP E 60 14.01 -12.72 -28.79
N GLN E 61 12.94 -11.94 -28.88
CA GLN E 61 12.25 -11.70 -30.14
C GLN E 61 12.54 -10.27 -30.56
N LYS E 62 13.78 -10.04 -31.02
CA LYS E 62 14.24 -8.68 -31.31
C LYS E 62 13.49 -8.08 -32.49
N ASP E 63 13.20 -8.90 -33.51
CA ASP E 63 12.46 -8.41 -34.67
C ASP E 63 11.07 -7.95 -34.28
N GLU E 64 10.36 -8.76 -33.48
CA GLU E 64 9.04 -8.38 -33.02
C GLU E 64 9.09 -7.12 -32.16
N ALA E 65 10.11 -7.00 -31.31
CA ALA E 65 10.25 -5.81 -30.48
C ALA E 65 10.43 -4.57 -31.33
N GLU E 66 11.21 -4.64 -32.40
CA GLU E 66 11.37 -3.50 -33.30
C GLU E 66 10.05 -3.16 -33.97
N LYS E 67 9.30 -4.17 -34.40
CA LYS E 67 7.96 -3.94 -34.94
C LYS E 67 7.09 -3.18 -33.94
N ALA E 68 7.12 -3.58 -32.68
CA ALA E 68 6.33 -2.89 -31.66
C ALA E 68 6.74 -1.42 -31.54
N LYS E 69 8.04 -1.14 -31.64
CA LYS E 69 8.50 0.23 -31.44
C LYS E 69 8.14 1.12 -32.62
N ARG E 70 8.17 0.58 -33.85
CA ARG E 70 7.76 1.36 -35.01
C ARG E 70 6.28 1.74 -34.92
N MET E 71 5.44 0.82 -34.47
CA MET E 71 4.03 1.12 -34.28
C MET E 71 3.85 2.20 -33.22
N LYS E 72 4.67 2.14 -32.18
CA LYS E 72 4.68 3.19 -31.17
C LYS E 72 5.05 4.53 -31.78
N GLU E 73 6.05 4.54 -32.65
CA GLU E 73 6.43 5.74 -33.36
C GLU E 73 5.34 6.17 -34.34
N TRP E 74 4.72 5.21 -35.01
CA TRP E 74 3.61 5.53 -35.91
C TRP E 74 2.48 6.23 -35.15
N MET E 75 2.18 5.74 -33.94
CA MET E 75 1.10 6.36 -33.17
C MET E 75 1.44 7.79 -32.80
N LYS E 76 2.72 8.05 -32.48
CA LYS E 76 3.15 9.42 -32.21
C LYS E 76 2.92 10.32 -33.43
N ARG E 77 3.04 9.77 -34.64
CA ARG E 77 2.79 10.56 -35.84
C ARG E 77 1.29 10.77 -36.07
N ILE E 78 0.48 9.74 -35.82
CA ILE E 78 -0.96 9.84 -36.00
C ILE E 78 -1.52 11.03 -35.22
N LYS E 79 -1.06 11.21 -33.99
CA LYS E 79 -1.62 12.23 -33.11
C LYS E 79 -1.02 13.62 -33.34
N THR E 80 0.03 13.74 -34.15
CA THR E 80 0.67 15.02 -34.39
C THR E 80 0.60 15.51 -35.83
N THR E 81 0.02 14.74 -36.74
CA THR E 81 -0.03 15.15 -38.14
C THR E 81 -1.33 15.87 -38.46
N ALA E 82 -1.30 16.65 -39.55
CA ALA E 82 -2.44 17.45 -39.98
C ALA E 82 -3.19 16.86 -41.17
N SER E 83 -2.95 15.58 -41.48
CA SER E 83 -3.51 14.97 -42.68
C SER E 83 -4.25 13.68 -42.32
N GLU E 84 -5.57 13.69 -42.55
CA GLU E 84 -6.40 12.54 -42.21
C GLU E 84 -5.97 11.29 -42.97
N ASP E 85 -5.57 11.44 -44.24
CA ASP E 85 -5.18 10.28 -45.04
C ASP E 85 -3.96 9.58 -44.45
N GLU E 86 -2.99 10.35 -43.96
CA GLU E 86 -1.83 9.72 -43.33
C GLU E 86 -2.23 9.03 -42.04
N GLN E 87 -3.14 9.62 -41.27
CA GLN E 87 -3.61 8.99 -40.04
C GLN E 87 -4.26 7.64 -40.33
N GLU E 88 -5.14 7.59 -41.33
CA GLU E 88 -5.86 6.36 -41.62
C GLU E 88 -4.92 5.26 -42.12
N GLU E 89 -3.94 5.63 -42.94
CA GLU E 89 -2.98 4.65 -43.45
C GLU E 89 -2.21 3.99 -42.31
N MET E 90 -1.69 4.79 -41.39
CA MET E 90 -0.88 4.25 -40.31
C MET E 90 -1.72 3.43 -39.35
N ALA E 91 -2.96 3.86 -39.08
CA ALA E 91 -3.84 3.10 -38.20
C ALA E 91 -4.10 1.72 -38.78
N ASN E 92 -4.42 1.66 -40.08
CA ASN E 92 -4.66 0.37 -40.72
C ASN E 92 -3.39 -0.48 -40.75
N ALA E 93 -2.23 0.15 -40.92
CA ALA E 93 -0.97 -0.59 -40.84
C ALA E 93 -0.80 -1.19 -39.44
N ILE E 94 -1.13 -0.42 -38.40
CA ILE E 94 -1.07 -0.92 -37.03
C ILE E 94 -2.06 -2.07 -36.83
N ILE E 95 -3.30 -1.89 -37.30
CA ILE E 95 -4.35 -2.88 -37.08
C ILE E 95 -3.98 -4.23 -37.67
N THR E 96 -3.34 -4.23 -38.85
CA THR E 96 -2.95 -5.48 -39.48
C THR E 96 -1.96 -6.26 -38.63
N ILE E 97 -0.95 -5.58 -38.08
CA ILE E 97 0.06 -6.26 -37.28
C ILE E 97 -0.53 -6.84 -36.00
N LEU E 98 -1.37 -6.07 -35.31
CA LEU E 98 -1.97 -6.55 -34.07
C LEU E 98 -2.81 -7.80 -34.30
N GLN E 99 -3.61 -7.82 -35.38
CA GLN E 99 -4.43 -8.99 -35.68
C GLN E 99 -3.58 -10.23 -35.86
N SER E 100 -2.42 -10.09 -36.51
CA SER E 100 -1.54 -11.24 -36.67
C SER E 100 -1.01 -11.74 -35.33
N TRP E 101 -0.70 -10.82 -34.41
CA TRP E 101 -0.26 -11.26 -33.08
C TRP E 101 -1.39 -11.95 -32.33
N ILE E 102 -2.61 -11.44 -32.45
CA ILE E 102 -3.74 -11.97 -31.68
C ILE E 102 -4.11 -13.37 -32.17
N PHE E 103 -4.24 -13.55 -33.48
CA PHE E 103 -4.79 -14.76 -34.06
C PHE E 103 -3.74 -15.73 -34.58
N SER E 104 -2.47 -15.52 -34.26
CA SER E 104 -1.43 -16.46 -34.70
C SER E 104 -1.39 -17.67 -33.80
N PRO F 5 -0.12 -18.55 -52.22
CA PRO F 5 -1.57 -18.34 -52.33
C PRO F 5 -2.20 -17.86 -51.03
N LYS F 6 -1.55 -16.88 -50.39
CA LYS F 6 -2.03 -16.37 -49.12
C LYS F 6 -3.37 -15.66 -49.26
N LYS F 7 -3.49 -14.80 -50.27
CA LYS F 7 -4.70 -14.02 -50.46
C LYS F 7 -5.90 -14.91 -50.76
N LYS F 8 -5.73 -15.91 -51.63
CA LYS F 8 -6.84 -16.79 -51.98
C LYS F 8 -7.32 -17.59 -50.78
N ILE F 9 -6.39 -18.16 -50.01
CA ILE F 9 -6.77 -18.94 -48.82
C ILE F 9 -7.49 -18.04 -47.82
N GLN F 10 -6.96 -16.83 -47.63
CA GLN F 10 -7.59 -15.86 -46.73
C GLN F 10 -9.03 -15.61 -47.13
N LEU F 11 -9.29 -15.40 -48.42
CA LEU F 11 -10.65 -15.11 -48.88
C LEU F 11 -11.57 -16.30 -48.65
N HIS F 12 -11.11 -17.51 -49.02
CA HIS F 12 -11.93 -18.70 -48.79
C HIS F 12 -12.18 -18.93 -47.31
N ALA F 13 -11.16 -18.71 -46.47
CA ALA F 13 -11.32 -18.92 -45.04
C ALA F 13 -12.36 -17.97 -44.45
N GLU F 14 -12.44 -16.75 -44.97
CA GLU F 14 -13.47 -15.81 -44.53
C GLU F 14 -14.86 -16.37 -44.81
N HIS F 15 -15.06 -16.92 -46.01
CA HIS F 15 -16.36 -17.49 -46.36
C HIS F 15 -16.64 -18.77 -45.58
N ALA F 16 -15.61 -19.59 -45.36
CA ALA F 16 -15.80 -20.78 -44.53
C ALA F 16 -16.17 -20.40 -43.09
N LEU F 17 -15.57 -19.32 -42.58
CA LEU F 17 -15.89 -18.87 -41.22
C LEU F 17 -17.33 -18.39 -41.12
N TYR F 18 -17.83 -17.71 -42.15
CA TYR F 18 -19.24 -17.35 -42.17
C TYR F 18 -20.13 -18.60 -42.06
N ASP F 19 -19.83 -19.63 -42.84
CA ASP F 19 -20.59 -20.88 -42.75
C ASP F 19 -20.48 -21.50 -41.36
N ALA F 20 -19.24 -21.56 -40.83
CA ALA F 20 -19.04 -22.17 -39.53
C ALA F 20 -19.76 -21.38 -38.43
N LEU F 21 -19.76 -20.05 -38.52
CA LEU F 21 -20.46 -19.25 -37.52
C LEU F 21 -21.97 -19.44 -37.61
N MET F 22 -22.51 -19.54 -38.82
CA MET F 22 -23.95 -19.81 -38.96
C MET F 22 -24.30 -21.18 -38.41
N ILE F 23 -23.44 -22.17 -38.66
CA ILE F 23 -23.69 -23.52 -38.15
C ILE F 23 -23.66 -23.53 -36.64
N LEU F 24 -22.67 -22.87 -36.04
CA LEU F 24 -22.61 -22.77 -34.59
C LEU F 24 -23.87 -22.11 -34.04
N ASN F 25 -24.33 -21.04 -34.69
CA ASN F 25 -25.57 -20.39 -34.28
C ASN F 25 -26.74 -21.36 -34.34
N ILE F 26 -26.79 -22.20 -35.37
CA ILE F 26 -27.87 -23.17 -35.48
C ILE F 26 -27.78 -24.19 -34.35
N VAL F 27 -26.57 -24.69 -34.09
CA VAL F 27 -26.39 -25.70 -33.05
C VAL F 27 -26.77 -25.16 -31.68
N LYS F 28 -26.37 -23.92 -31.38
CA LYS F 28 -26.58 -23.40 -30.03
C LYS F 28 -27.97 -22.86 -29.77
N THR F 29 -28.84 -22.79 -30.78
CA THR F 29 -30.21 -22.33 -30.59
C THR F 29 -31.15 -23.42 -31.09
N ASN F 30 -32.30 -23.57 -30.43
CA ASN F 30 -33.28 -24.56 -30.85
C ASN F 30 -34.69 -24.07 -30.58
N ALA F 34 -33.94 -21.45 -39.63
CA ALA F 34 -32.53 -21.44 -39.24
C ALA F 34 -31.93 -22.84 -39.36
N GLU F 35 -32.56 -23.83 -38.73
CA GLU F 35 -32.01 -25.18 -38.70
C GLU F 35 -32.21 -25.93 -40.01
N GLU F 36 -33.17 -25.53 -40.83
CA GLU F 36 -33.39 -26.20 -42.11
C GLU F 36 -32.19 -26.01 -43.04
N LYS F 37 -31.47 -24.90 -42.90
CA LYS F 37 -30.32 -24.54 -43.73
C LYS F 37 -29.00 -25.20 -43.32
N LEU F 38 -28.94 -25.90 -42.19
CA LEU F 38 -27.65 -26.43 -41.71
C LEU F 38 -26.92 -27.25 -42.75
N GLU F 39 -27.63 -28.13 -43.47
CA GLU F 39 -26.96 -28.94 -44.49
C GLU F 39 -26.38 -28.08 -45.60
N ASP F 40 -27.05 -26.97 -45.92
CA ASP F 40 -26.57 -26.09 -46.97
C ASP F 40 -25.27 -25.39 -46.57
N TYR F 41 -25.22 -24.86 -45.35
CA TYR F 41 -23.98 -24.28 -44.84
C TYR F 41 -22.87 -25.31 -44.78
N ALA F 42 -23.17 -26.52 -44.31
CA ALA F 42 -22.16 -27.54 -44.13
C ALA F 42 -21.56 -27.97 -45.47
N PHE F 43 -22.42 -28.23 -46.45
CA PHE F 43 -21.91 -28.64 -47.76
C PHE F 43 -21.13 -27.51 -48.41
N ASN F 44 -21.62 -26.27 -48.30
CA ASN F 44 -20.86 -25.13 -48.80
C ASN F 44 -19.50 -25.05 -48.11
N PHE F 45 -19.48 -25.27 -46.79
CA PHE F 45 -18.22 -25.29 -46.06
C PHE F 45 -17.27 -26.35 -46.60
N GLU F 46 -17.80 -27.55 -46.87
CA GLU F 46 -16.98 -28.64 -47.38
C GLU F 46 -16.38 -28.28 -48.74
N LEU F 47 -17.16 -27.64 -49.61
CA LEU F 47 -16.64 -27.21 -50.90
C LEU F 47 -15.51 -26.22 -50.73
N ILE F 48 -15.64 -25.28 -49.79
CA ILE F 48 -14.59 -24.28 -49.58
C ILE F 48 -13.33 -24.93 -49.04
N LEU F 49 -13.46 -25.82 -48.05
CA LEU F 49 -12.29 -26.44 -47.44
C LEU F 49 -11.54 -27.32 -48.42
N GLU F 50 -12.26 -27.96 -49.34
CA GLU F 50 -11.61 -28.71 -50.41
C GLU F 50 -10.75 -27.79 -51.27
N GLU F 51 -11.26 -26.60 -51.59
CA GLU F 51 -10.47 -25.66 -52.38
C GLU F 51 -9.30 -25.11 -51.58
N ILE F 52 -9.50 -24.88 -50.28
CA ILE F 52 -8.40 -24.45 -49.42
C ILE F 52 -7.32 -25.52 -49.37
N ALA F 53 -7.72 -26.78 -49.23
CA ALA F 53 -6.76 -27.88 -49.23
C ALA F 53 -6.02 -27.93 -50.56
N ARG F 54 -6.74 -27.70 -51.65
CA ARG F 54 -6.11 -27.65 -52.97
C ARG F 54 -5.05 -26.56 -53.04
N LEU F 55 -5.37 -25.36 -52.53
CA LEU F 55 -4.42 -24.26 -52.56
C LEU F 55 -3.23 -24.53 -51.64
N PHE F 56 -3.48 -25.19 -50.51
CA PHE F 56 -2.39 -25.55 -49.60
C PHE F 56 -1.43 -26.54 -50.26
N GLU F 57 -1.95 -27.53 -50.99
CA GLU F 57 -1.09 -28.52 -51.63
C GLU F 57 -0.16 -27.90 -52.68
N SER F 58 -0.72 -27.03 -53.54
CA SER F 58 0.09 -26.45 -54.61
C SER F 58 1.19 -25.54 -54.10
N GLY F 59 1.03 -24.94 -52.91
CA GLY F 59 2.11 -24.15 -52.36
C GLY F 59 3.05 -24.93 -51.48
N ASP F 60 2.90 -26.26 -51.47
CA ASP F 60 3.71 -27.17 -50.67
C ASP F 60 3.55 -26.90 -49.17
N GLN F 61 2.32 -26.59 -48.77
CA GLN F 61 1.98 -26.39 -47.38
C GLN F 61 1.27 -27.67 -46.93
N LYS F 62 2.09 -28.72 -46.82
CA LYS F 62 1.60 -30.08 -46.67
C LYS F 62 0.89 -30.30 -45.34
N ASP F 63 1.43 -29.73 -44.26
CA ASP F 63 0.77 -29.86 -42.97
C ASP F 63 -0.60 -29.20 -42.99
N GLU F 64 -0.71 -28.04 -43.63
CA GLU F 64 -1.97 -27.30 -43.61
C GLU F 64 -3.02 -27.95 -44.50
N ALA F 65 -2.60 -28.52 -45.65
CA ALA F 65 -3.56 -29.17 -46.53
C ALA F 65 -4.24 -30.34 -45.83
N GLU F 66 -3.47 -31.13 -45.07
CA GLU F 66 -4.08 -32.22 -44.31
C GLU F 66 -5.02 -31.70 -43.25
N LYS F 67 -4.70 -30.55 -42.66
CA LYS F 67 -5.56 -29.96 -41.64
C LYS F 67 -6.89 -29.51 -42.23
N ALA F 68 -6.86 -28.94 -43.44
CA ALA F 68 -8.10 -28.54 -44.09
C ALA F 68 -8.96 -29.74 -44.41
N LYS F 69 -8.34 -30.85 -44.85
CA LYS F 69 -9.10 -32.06 -45.15
C LYS F 69 -9.77 -32.59 -43.89
N ARG F 70 -9.09 -32.52 -42.75
CA ARG F 70 -9.67 -32.99 -41.50
C ARG F 70 -10.88 -32.16 -41.11
N MET F 71 -10.80 -30.84 -41.32
CA MET F 71 -11.94 -29.97 -41.01
C MET F 71 -13.14 -30.31 -41.87
N LYS F 72 -12.91 -30.66 -43.14
CA LYS F 72 -13.99 -31.12 -44.00
C LYS F 72 -14.65 -32.37 -43.43
N GLU F 73 -13.85 -33.30 -42.89
CA GLU F 73 -14.41 -34.50 -42.29
C GLU F 73 -15.15 -34.18 -41.00
N TRP F 74 -14.66 -33.22 -40.22
CA TRP F 74 -15.40 -32.79 -39.04
C TRP F 74 -16.78 -32.26 -39.41
N MET F 75 -16.85 -31.44 -40.47
CA MET F 75 -18.12 -30.86 -40.86
C MET F 75 -19.10 -31.93 -41.34
N LYS F 76 -18.60 -32.93 -42.06
CA LYS F 76 -19.47 -34.04 -42.44
C LYS F 76 -20.01 -34.76 -41.22
N ARG F 77 -19.20 -34.88 -40.18
CA ARG F 77 -19.68 -35.43 -38.91
C ARG F 77 -20.69 -34.50 -38.26
N ILE F 78 -20.45 -33.18 -38.36
CA ILE F 78 -21.34 -32.21 -37.72
C ILE F 78 -22.76 -32.34 -38.26
N LYS F 79 -22.90 -32.48 -39.57
CA LYS F 79 -24.22 -32.46 -40.19
C LYS F 79 -24.93 -33.80 -40.20
N THR F 80 -24.25 -34.90 -39.86
CA THR F 80 -24.86 -36.22 -39.98
C THR F 80 -25.03 -36.92 -38.64
N THR F 81 -23.95 -37.22 -37.92
CA THR F 81 -24.03 -38.08 -36.76
C THR F 81 -23.70 -37.39 -35.44
N ALA F 82 -23.48 -36.08 -35.44
CA ALA F 82 -22.94 -35.40 -34.28
C ALA F 82 -24.04 -35.00 -33.29
N SER F 83 -23.67 -35.01 -32.01
CA SER F 83 -24.48 -34.51 -30.92
C SER F 83 -24.27 -33.01 -30.76
N GLU F 84 -25.25 -32.36 -30.12
CA GLU F 84 -25.20 -30.90 -29.98
C GLU F 84 -23.91 -30.45 -29.28
N ASP F 85 -23.48 -31.16 -28.24
CA ASP F 85 -22.21 -30.84 -27.60
C ASP F 85 -21.05 -31.13 -28.52
N GLU F 86 -21.12 -32.25 -29.25
CA GLU F 86 -20.09 -32.60 -30.23
C GLU F 86 -20.02 -31.59 -31.36
N GLN F 87 -21.19 -31.09 -31.79
CA GLN F 87 -21.24 -30.08 -32.84
C GLN F 87 -20.50 -28.81 -32.42
N GLU F 88 -20.75 -28.35 -31.19
CA GLU F 88 -20.14 -27.10 -30.74
C GLU F 88 -18.63 -27.21 -30.61
N GLU F 89 -18.13 -28.31 -30.06
CA GLU F 89 -16.69 -28.48 -29.90
C GLU F 89 -15.98 -28.47 -31.25
N MET F 90 -16.56 -29.13 -32.25
CA MET F 90 -15.92 -29.16 -33.56
C MET F 90 -16.04 -27.81 -34.27
N ALA F 91 -17.18 -27.13 -34.09
CA ALA F 91 -17.35 -25.83 -34.73
C ALA F 91 -16.34 -24.82 -34.21
N ASN F 92 -16.16 -24.77 -32.89
CA ASN F 92 -15.18 -23.84 -32.31
C ASN F 92 -13.77 -24.22 -32.71
N ALA F 93 -13.48 -25.52 -32.80
CA ALA F 93 -12.18 -25.96 -33.28
C ALA F 93 -11.94 -25.50 -34.72
N ILE F 94 -12.97 -25.61 -35.57
CA ILE F 94 -12.86 -25.11 -36.93
C ILE F 94 -12.66 -23.59 -36.93
N ILE F 95 -13.46 -22.87 -36.15
CA ILE F 95 -13.40 -21.41 -36.14
C ILE F 95 -12.01 -20.93 -35.74
N THR F 96 -11.39 -21.58 -34.75
CA THR F 96 -10.07 -21.16 -34.29
C THR F 96 -9.05 -21.26 -35.41
N ILE F 97 -9.08 -22.36 -36.18
CA ILE F 97 -8.12 -22.56 -37.26
C ILE F 97 -8.34 -21.52 -38.36
N LEU F 98 -9.61 -21.26 -38.72
CA LEU F 98 -9.90 -20.32 -39.79
C LEU F 98 -9.41 -18.91 -39.47
N GLN F 99 -9.65 -18.45 -38.24
CA GLN F 99 -9.18 -17.13 -37.85
C GLN F 99 -7.67 -17.02 -37.99
N SER F 100 -6.95 -18.08 -37.65
CA SER F 100 -5.50 -18.07 -37.83
C SER F 100 -5.13 -18.00 -39.30
N TRP F 101 -5.89 -18.69 -40.16
CA TRP F 101 -5.64 -18.60 -41.59
C TRP F 101 -5.96 -17.21 -42.12
N ILE F 102 -7.05 -16.60 -41.63
CA ILE F 102 -7.45 -15.29 -42.12
C ILE F 102 -6.44 -14.23 -41.71
N PHE F 103 -6.03 -14.23 -40.45
CA PHE F 103 -5.21 -13.17 -39.88
C PHE F 103 -3.73 -13.55 -39.79
N SER F 104 -3.32 -14.64 -40.44
CA SER F 104 -1.94 -15.17 -40.44
C SER F 104 -1.34 -15.19 -39.04
#